data_9HT3
#
_entry.id   9HT3
#
_cell.length_a   34.206
_cell.length_b   117.490
_cell.length_c   166.063
_cell.angle_alpha   90.00
_cell.angle_beta   90.00
_cell.angle_gamma   90.00
#
_symmetry.space_group_name_H-M   'P 21 21 21'
#
loop_
_entity.id
_entity.type
_entity.pdbx_description
1 polymer 'Probable C4-dicarboxylate-binding periplasmic protein'
2 non-polymer '2-methylidenebutanedioic acid'
3 non-polymer GLYCEROL
4 non-polymer 1,2-ETHANEDIOL
5 water water
#
_entity_poly.entity_id   1
_entity_poly.type   'polypeptide(L)'
_entity_poly.pdbx_seq_one_letter_code
;AQPIVIKFSHVVAENTPKGQGALLFKKLVEQRLGGRVEVDVYPNSSLFGDGKEMEALLLGDVQMLAPSLAKFEQYTRKVQ
IFDLPFLFDDIQAVDRFQRSPQGRALLTSMQGKGILGLAYWHNGMKQLSANRPLLEPEDARGLKFRVQASDVLNEQFRQL
RAISRKMSFAEVYQGLQTGVVNGTENTWSNYESQKVNEVQKYFTESNHGLVDYMVITNAKFWNGLPADIREELQRIMDEV
TVQVNLEAERLNRDARQRILASGASEIHTLSPQQRADWRQAMQPVWQKFRGNVGADLLQAAEASNRPD
;
_entity_poly.pdbx_strand_id   A,B
#
loop_
_chem_comp.id
_chem_comp.type
_chem_comp.name
_chem_comp.formula
EDO non-polymer 1,2-ETHANEDIOL 'C2 H6 O2'
GOL non-polymer GLYCEROL 'C3 H8 O3'
ITN non-polymer '2-methylidenebutanedioic acid' 'C5 H6 O4'
#
# COMPACT_ATOMS: atom_id res chain seq x y z
N GLN A 2 -0.61 -28.24 3.46
CA GLN A 2 0.49 -28.79 4.28
C GLN A 2 1.53 -27.69 4.60
N PRO A 3 2.06 -26.92 3.62
CA PRO A 3 2.99 -25.85 3.93
C PRO A 3 2.44 -24.80 4.85
N ILE A 4 3.22 -24.46 5.88
CA ILE A 4 2.82 -23.37 6.80
C ILE A 4 3.23 -22.05 6.16
N VAL A 5 2.29 -21.13 6.04
CA VAL A 5 2.59 -19.82 5.41
C VAL A 5 2.80 -18.78 6.52
N ILE A 6 3.87 -18.00 6.37
CA ILE A 6 4.13 -16.91 7.34
C ILE A 6 4.12 -15.58 6.56
N LYS A 7 3.11 -14.76 6.81
CA LYS A 7 3.04 -13.42 6.18
C LYS A 7 3.73 -12.43 7.13
N PHE A 8 4.79 -11.80 6.63
CA PHE A 8 5.59 -10.85 7.43
C PHE A 8 5.37 -9.48 6.81
N SER A 9 4.63 -8.63 7.51
CA SER A 9 4.32 -7.26 7.03
C SER A 9 5.18 -6.25 7.78
N HIS A 10 5.53 -5.18 7.10
CA HIS A 10 6.26 -4.09 7.80
C HIS A 10 6.03 -2.78 7.05
N VAL A 11 6.46 -1.67 7.66
CA VAL A 11 6.21 -0.31 7.11
C VAL A 11 7.45 0.36 6.49
N VAL A 12 8.59 -0.30 6.46
CA VAL A 12 9.83 0.38 5.99
C VAL A 12 10.18 -0.03 4.55
N ALA A 13 11.07 0.73 3.95
CA ALA A 13 11.57 0.39 2.60
C ALA A 13 12.35 -0.93 2.66
N GLU A 14 12.53 -1.54 1.50
CA GLU A 14 13.28 -2.82 1.43
C GLU A 14 14.76 -2.58 1.79
N ASN A 15 15.34 -1.47 1.33
CA ASN A 15 16.79 -1.18 1.53
C ASN A 15 17.04 -0.68 2.96
N THR A 16 16.65 -1.46 3.97
CA THR A 16 16.76 -1.07 5.38
C THR A 16 17.12 -2.29 6.22
N PRO A 17 17.55 -2.11 7.48
CA PRO A 17 17.78 -3.24 8.36
C PRO A 17 16.60 -4.21 8.37
N LYS A 18 15.40 -3.72 8.74
CA LYS A 18 14.21 -4.60 8.87
C LYS A 18 13.77 -5.12 7.49
N GLY A 19 13.84 -4.27 6.47
CA GLY A 19 13.51 -4.73 5.11
C GLY A 19 14.39 -5.89 4.67
N GLN A 20 15.70 -5.75 4.85
CA GLN A 20 16.65 -6.82 4.49
C GLN A 20 16.42 -8.02 5.42
N GLY A 21 16.14 -7.76 6.69
CA GLY A 21 15.94 -8.85 7.66
C GLY A 21 14.77 -9.74 7.28
N ALA A 22 13.66 -9.13 6.92
CA ALA A 22 12.46 -9.90 6.51
C ALA A 22 12.77 -10.76 5.28
N LEU A 23 13.45 -10.15 4.29
CA LEU A 23 13.82 -10.90 3.06
C LEU A 23 14.80 -12.04 3.38
N LEU A 24 15.73 -11.80 4.31
CA LEU A 24 16.71 -12.84 4.69
C LEU A 24 15.98 -14.01 5.37
N PHE A 25 15.00 -13.69 6.22
CA PHE A 25 14.25 -14.75 6.93
C PHE A 25 13.55 -15.61 5.89
N LYS A 26 12.95 -14.95 4.92
CA LYS A 26 12.26 -15.69 3.83
C LYS A 26 13.28 -16.60 3.13
N LYS A 27 14.40 -16.03 2.71
CA LYS A 27 15.45 -16.80 1.99
C LYS A 27 15.92 -18.02 2.78
N LEU A 28 16.26 -17.81 4.05
CA LEU A 28 16.81 -18.93 4.85
C LEU A 28 15.73 -20.00 5.10
N VAL A 29 14.48 -19.60 5.30
CA VAL A 29 13.39 -20.61 5.46
C VAL A 29 13.31 -21.43 4.17
N GLU A 30 13.34 -20.76 3.04
CA GLU A 30 13.30 -21.47 1.75
C GLU A 30 14.50 -22.41 1.62
N GLN A 31 15.68 -21.96 2.02
CA GLN A 31 16.91 -22.78 1.84
C GLN A 31 17.00 -23.92 2.86
N ARG A 32 16.29 -23.82 3.96
CA ARG A 32 16.50 -24.85 5.02
C ARG A 32 15.24 -25.67 5.41
N LEU A 33 14.03 -25.21 5.12
CA LEU A 33 12.84 -25.94 5.67
C LEU A 33 12.17 -26.89 4.65
N GLY A 34 12.74 -27.04 3.46
CA GLY A 34 12.25 -28.05 2.52
C GLY A 34 10.83 -27.82 2.03
N GLY A 35 10.39 -26.58 2.01
CA GLY A 35 9.03 -26.26 1.55
C GLY A 35 7.98 -26.45 2.63
N ARG A 36 8.38 -26.86 3.84
CA ARG A 36 7.43 -27.13 4.94
C ARG A 36 6.89 -25.78 5.46
N VAL A 37 7.62 -24.72 5.18
CA VAL A 37 7.19 -23.35 5.57
C VAL A 37 7.48 -22.44 4.37
N GLU A 38 6.56 -21.53 4.09
CA GLU A 38 6.79 -20.51 3.05
C GLU A 38 6.59 -19.13 3.71
N VAL A 39 7.34 -18.15 3.24
CA VAL A 39 7.27 -16.80 3.84
C VAL A 39 6.94 -15.77 2.76
N ASP A 40 5.93 -14.94 3.02
CA ASP A 40 5.58 -13.83 2.11
C ASP A 40 5.93 -12.55 2.86
N VAL A 41 6.54 -11.61 2.17
CA VAL A 41 7.02 -10.37 2.83
C VAL A 41 6.32 -9.17 2.17
N TYR A 42 5.75 -8.30 3.00
CA TYR A 42 5.02 -7.12 2.49
C TYR A 42 5.65 -5.88 3.09
N PRO A 43 6.49 -5.21 2.29
CA PRO A 43 7.12 -4.00 2.78
C PRO A 43 6.40 -2.66 2.60
N ASN A 44 6.96 -1.61 3.21
CA ASN A 44 6.49 -0.23 2.92
C ASN A 44 4.97 -0.06 3.11
N SER A 45 4.40 -0.69 4.13
CA SER A 45 2.94 -0.59 4.43
C SER A 45 2.10 -1.07 3.23
N SER A 46 2.69 -1.90 2.37
CA SER A 46 2.00 -2.44 1.17
C SER A 46 0.83 -3.36 1.55
N LEU A 47 0.87 -3.95 2.75
CA LEU A 47 -0.27 -4.78 3.19
C LEU A 47 -0.93 -4.10 4.39
N PHE A 48 -0.11 -3.80 5.40
CA PHE A 48 -0.62 -3.12 6.60
C PHE A 48 0.35 -2.07 7.07
N GLY A 49 -0.19 -0.93 7.46
CA GLY A 49 0.63 0.15 8.03
C GLY A 49 0.58 0.10 9.55
N ASP A 50 1.06 1.16 10.18
CA ASP A 50 1.09 1.23 11.65
C ASP A 50 -0.30 1.00 12.27
N GLY A 51 -0.36 0.36 13.43
CA GLY A 51 -1.62 0.17 14.15
C GLY A 51 -2.42 -0.97 13.57
N LYS A 52 -2.85 -0.78 12.33
CA LYS A 52 -3.62 -1.83 11.62
C LYS A 52 -2.85 -3.15 11.62
N GLU A 53 -1.52 -3.08 11.47
CA GLU A 53 -0.69 -4.30 11.44
C GLU A 53 -0.98 -5.18 12.68
N MET A 54 -1.06 -4.57 13.87
CA MET A 54 -1.27 -5.35 15.12
C MET A 54 -2.68 -5.90 15.20
N GLU A 55 -3.65 -5.09 14.77
CA GLU A 55 -5.05 -5.59 14.71
C GLU A 55 -5.07 -6.84 13.82
N ALA A 56 -4.41 -6.78 12.67
CA ALA A 56 -4.35 -7.93 11.75
C ALA A 56 -3.61 -9.12 12.38
N LEU A 57 -2.55 -8.84 13.12
CA LEU A 57 -1.77 -9.92 13.78
C LEU A 57 -2.69 -10.66 14.76
N LEU A 58 -3.48 -9.90 15.52
CA LEU A 58 -4.38 -10.52 16.53
C LEU A 58 -5.51 -11.30 15.84
N LEU A 59 -5.90 -10.87 14.65
CA LEU A 59 -6.97 -11.56 13.90
C LEU A 59 -6.42 -12.78 13.18
N GLY A 60 -5.12 -12.77 12.86
CA GLY A 60 -4.49 -13.86 12.11
C GLY A 60 -4.41 -13.55 10.63
N ASP A 61 -4.56 -12.28 10.26
CA ASP A 61 -4.42 -11.88 8.84
C ASP A 61 -2.93 -11.80 8.49
N VAL A 62 -2.08 -11.83 9.51
CA VAL A 62 -0.60 -11.80 9.33
C VAL A 62 -0.01 -12.65 10.46
N GLN A 63 1.20 -13.19 10.27
CA GLN A 63 1.80 -14.10 11.27
C GLN A 63 3.08 -13.50 11.89
N MET A 64 3.61 -12.45 11.27
CA MET A 64 4.87 -11.90 11.79
C MET A 64 4.98 -10.39 11.51
N LEU A 65 5.39 -9.67 12.54
CA LEU A 65 5.64 -8.23 12.40
C LEU A 65 6.98 -7.92 13.09
N ALA A 66 7.46 -6.71 12.88
CA ALA A 66 8.65 -6.25 13.64
C ALA A 66 8.48 -4.76 13.93
N PRO A 67 7.48 -4.37 14.74
CA PRO A 67 7.23 -2.96 14.96
C PRO A 67 8.22 -2.28 15.88
N SER A 68 8.33 -0.96 15.74
CA SER A 68 9.18 -0.18 16.66
C SER A 68 8.71 -0.40 18.09
N LEU A 69 9.66 -0.44 19.01
CA LEU A 69 9.34 -0.57 20.45
C LEU A 69 8.49 0.60 20.98
N ALA A 70 8.36 1.67 20.20
CA ALA A 70 7.54 2.83 20.58
C ALA A 70 6.06 2.60 20.33
N LYS A 71 5.70 1.46 19.75
CA LYS A 71 4.30 1.28 19.29
C LYS A 71 3.52 0.16 20.01
N PHE A 72 3.83 -0.10 21.28
CA PHE A 72 3.16 -1.20 22.02
C PHE A 72 2.34 -0.73 23.26
N GLU A 73 2.18 0.58 23.45
CA GLU A 73 1.50 1.10 24.68
C GLU A 73 0.07 0.55 24.85
N GLN A 74 -0.58 0.13 23.76
CA GLN A 74 -1.95 -0.43 23.88
C GLN A 74 -1.90 -1.87 24.40
N TYR A 75 -0.71 -2.45 24.50
CA TYR A 75 -0.55 -3.88 24.94
C TYR A 75 0.21 -3.96 26.25
N THR A 76 1.20 -3.10 26.44
CA THR A 76 1.93 -3.02 27.72
C THR A 76 2.47 -1.62 27.86
N ARG A 77 2.76 -1.23 29.10
CA ARG A 77 3.40 0.08 29.34
C ARG A 77 4.86 -0.13 29.74
N LYS A 78 5.32 -1.37 29.76
CA LYS A 78 6.72 -1.66 30.19
C LYS A 78 7.69 -1.29 29.05
N VAL A 79 7.33 -1.57 27.81
CA VAL A 79 8.26 -1.34 26.65
C VAL A 79 8.48 0.18 26.45
N GLN A 80 7.64 1.01 27.06
CA GLN A 80 7.84 2.49 27.02
C GLN A 80 9.27 2.89 27.42
N ILE A 81 9.93 2.08 28.24
CA ILE A 81 11.35 2.33 28.67
C ILE A 81 12.22 2.70 27.45
N PHE A 82 12.05 1.99 26.34
CA PHE A 82 12.93 2.17 25.17
C PHE A 82 12.73 3.54 24.54
N ASP A 83 11.65 4.24 24.89
CA ASP A 83 11.33 5.56 24.27
C ASP A 83 11.89 6.73 25.08
N LEU A 84 12.30 6.48 26.32
CA LEU A 84 12.76 7.59 27.20
C LEU A 84 13.97 8.28 26.54
N PRO A 85 13.90 9.60 26.30
CA PRO A 85 15.00 10.31 25.68
C PRO A 85 16.31 10.24 26.46
N PHE A 86 17.41 9.93 25.78
CA PHE A 86 18.77 9.95 26.38
C PHE A 86 18.97 8.86 27.44
N LEU A 87 18.05 7.91 27.52
CA LEU A 87 18.30 6.81 28.48
C LEU A 87 19.51 6.00 28.04
N PHE A 88 19.55 5.61 26.77
CA PHE A 88 20.64 4.76 26.25
C PHE A 88 21.65 5.63 25.47
N ASP A 89 22.94 5.51 25.83
CA ASP A 89 23.98 6.32 25.16
C ASP A 89 24.08 5.92 23.69
N ASP A 90 23.95 4.63 23.42
CA ASP A 90 24.12 4.13 22.03
C ASP A 90 23.48 2.75 21.89
N ILE A 91 23.60 2.17 20.70
CA ILE A 91 22.93 0.87 20.43
C ILE A 91 23.59 -0.23 21.30
N GLN A 92 24.88 -0.10 21.56
CA GLN A 92 25.60 -1.11 22.37
C GLN A 92 24.93 -1.18 23.76
N ALA A 93 24.55 -0.01 24.28
CA ALA A 93 23.85 0.04 25.59
C ALA A 93 22.48 -0.63 25.50
N VAL A 94 21.71 -0.30 24.46
CA VAL A 94 20.33 -0.86 24.37
C VAL A 94 20.49 -2.38 24.23
N ASP A 95 21.52 -2.79 23.50
CA ASP A 95 21.75 -4.24 23.28
C ASP A 95 21.96 -4.91 24.65
N ARG A 96 22.79 -4.31 25.48
CA ARG A 96 23.05 -4.88 26.82
C ARG A 96 21.71 -5.00 27.56
N PHE A 97 20.91 -3.93 27.54
CA PHE A 97 19.61 -3.95 28.27
C PHE A 97 18.75 -5.10 27.70
N GLN A 98 18.67 -5.17 26.37
CA GLN A 98 17.83 -6.20 25.73
C GLN A 98 18.27 -7.62 26.15
N ARG A 99 19.54 -7.80 26.40
CA ARG A 99 20.11 -9.13 26.78
C ARG A 99 19.86 -9.42 28.26
N SER A 100 19.62 -8.38 29.04
CA SER A 100 19.40 -8.53 30.50
C SER A 100 18.23 -9.48 30.76
N PRO A 101 18.11 -10.06 31.97
CA PRO A 101 16.94 -10.88 32.25
C PRO A 101 15.66 -10.07 32.03
N GLN A 102 15.67 -8.81 32.48
CA GLN A 102 14.49 -7.95 32.33
C GLN A 102 14.23 -7.68 30.85
N GLY A 103 15.29 -7.39 30.09
CA GLY A 103 15.14 -7.10 28.66
C GLY A 103 14.58 -8.31 27.92
N ARG A 104 15.07 -9.49 28.26
CA ARG A 104 14.54 -10.72 27.64
C ARG A 104 13.07 -10.94 28.04
N ALA A 105 12.73 -10.65 29.30
CA ALA A 105 11.35 -10.88 29.77
C ALA A 105 10.36 -9.98 29.04
N LEU A 106 10.84 -8.85 28.51
CA LEU A 106 9.90 -7.91 27.85
C LEU A 106 9.39 -8.54 26.53
N LEU A 107 10.08 -9.56 26.05
CA LEU A 107 9.63 -10.26 24.82
C LEU A 107 8.29 -11.00 25.08
N THR A 108 7.96 -11.26 26.36
CA THR A 108 6.70 -11.95 26.74
C THR A 108 5.74 -10.98 27.42
N SER A 109 6.08 -9.70 27.48
CA SER A 109 5.27 -8.64 28.14
C SER A 109 3.83 -8.57 27.59
N MET A 110 3.59 -9.02 26.36
CA MET A 110 2.25 -8.92 25.74
C MET A 110 1.66 -10.33 25.46
N GLN A 111 2.25 -11.37 26.04
CA GLN A 111 1.77 -12.77 25.80
C GLN A 111 0.31 -12.93 26.23
N GLY A 112 -0.07 -12.26 27.31
CA GLY A 112 -1.47 -12.31 27.78
C GLY A 112 -2.44 -11.65 26.80
N LYS A 113 -1.94 -10.82 25.89
CA LYS A 113 -2.78 -10.20 24.84
C LYS A 113 -2.66 -11.02 23.53
N GLY A 114 -1.90 -12.09 23.55
CA GLY A 114 -1.77 -12.98 22.39
C GLY A 114 -0.54 -12.67 21.53
N ILE A 115 0.36 -11.85 22.03
CA ILE A 115 1.55 -11.43 21.23
C ILE A 115 2.83 -12.05 21.81
N LEU A 116 3.60 -12.72 20.97
CA LEU A 116 4.88 -13.35 21.40
C LEU A 116 6.05 -12.62 20.72
N GLY A 117 6.99 -12.14 21.53
CA GLY A 117 8.22 -11.57 21.00
C GLY A 117 9.26 -12.63 20.71
N LEU A 118 9.90 -12.55 19.55
CA LEU A 118 10.89 -13.57 19.14
C LEU A 118 12.32 -13.03 19.18
N ALA A 119 12.46 -11.72 19.07
CA ALA A 119 13.80 -11.12 19.00
C ALA A 119 13.74 -9.61 19.01
N TYR A 120 14.89 -9.00 19.26
CA TYR A 120 15.01 -7.54 19.09
C TYR A 120 15.87 -7.33 17.86
N TRP A 121 15.49 -6.43 16.96
CA TRP A 121 16.34 -6.05 15.80
C TRP A 121 16.72 -4.59 15.98
N HIS A 122 17.98 -4.27 15.71
CA HIS A 122 18.35 -2.85 15.82
C HIS A 122 18.11 -2.11 14.51
N ASN A 123 17.86 -0.82 14.64
CA ASN A 123 17.85 0.04 13.44
C ASN A 123 18.97 1.03 13.76
N GLY A 124 18.69 1.93 14.70
CA GLY A 124 19.74 2.86 15.13
C GLY A 124 19.23 3.98 16.03
N MET A 125 20.13 4.92 16.32
CA MET A 125 19.74 6.07 17.16
C MET A 125 18.90 7.05 16.34
N LYS A 126 18.09 7.83 17.05
CA LYS A 126 17.26 8.84 16.38
C LYS A 126 17.96 10.20 16.33
N GLN A 127 17.71 10.91 15.24
CA GLN A 127 18.18 12.29 15.09
C GLN A 127 16.94 13.17 14.95
N LEU A 128 17.16 14.48 14.88
CA LEU A 128 16.06 15.44 14.76
C LEU A 128 16.13 16.12 13.38
N SER A 129 14.98 16.50 12.85
CA SER A 129 14.89 17.15 11.53
C SER A 129 13.85 18.27 11.62
N ALA A 130 14.01 19.27 10.78
CA ALA A 130 13.06 20.39 10.73
C ALA A 130 13.39 21.29 9.55
N ASN A 131 12.55 22.30 9.33
CA ASN A 131 12.80 23.27 8.23
C ASN A 131 13.51 24.50 8.80
N ARG A 132 13.87 24.44 10.07
CA ARG A 132 14.69 25.50 10.70
C ARG A 132 15.82 24.77 11.46
N PRO A 133 16.95 25.43 11.71
CA PRO A 133 18.02 24.79 12.48
C PRO A 133 17.61 24.43 13.88
N LEU A 134 18.07 23.27 14.35
CA LEU A 134 17.81 22.83 15.74
C LEU A 134 19.15 22.71 16.48
N LEU A 135 19.67 23.82 17.00
CA LEU A 135 21.01 23.81 17.67
C LEU A 135 20.83 23.78 19.19
N GLU A 136 19.84 24.53 19.66
CA GLU A 136 19.55 24.57 21.11
C GLU A 136 18.10 24.15 21.36
N PRO A 137 17.79 23.56 22.52
CA PRO A 137 16.43 23.12 22.80
C PRO A 137 15.35 24.18 22.53
N GLU A 138 15.66 25.44 22.81
CA GLU A 138 14.69 26.55 22.58
C GLU A 138 14.27 26.62 21.11
N ASP A 139 15.08 26.09 20.21
CA ASP A 139 14.78 26.12 18.76
C ASP A 139 13.56 25.25 18.42
N ALA A 140 13.25 24.28 19.28
CA ALA A 140 12.14 23.34 19.02
C ALA A 140 10.79 23.94 19.37
N ARG A 141 10.80 25.06 20.10
CA ARG A 141 9.52 25.66 20.56
C ARG A 141 8.60 26.03 19.40
N GLY A 142 7.32 25.69 19.53
CA GLY A 142 6.31 26.08 18.53
C GLY A 142 6.32 25.27 17.25
N LEU A 143 7.30 24.40 17.11
CA LEU A 143 7.32 23.53 15.90
C LEU A 143 6.26 22.43 16.01
N LYS A 144 5.90 21.83 14.87
CA LYS A 144 4.97 20.68 14.87
C LYS A 144 5.77 19.43 14.47
N PHE A 145 5.94 18.51 15.40
CA PHE A 145 6.78 17.31 15.15
C PHE A 145 5.92 16.07 14.95
N ARG A 146 6.24 15.33 13.91
CA ARG A 146 5.55 14.04 13.74
C ARG A 146 6.24 13.06 14.69
N VAL A 147 5.45 12.31 15.42
CA VAL A 147 6.01 11.23 16.24
C VAL A 147 5.30 9.91 15.90
N GLN A 148 5.95 8.81 16.27
CA GLN A 148 5.25 7.52 16.16
C GLN A 148 4.12 7.56 17.20
N ALA A 149 3.22 6.58 17.16
CA ALA A 149 2.07 6.56 18.09
C ALA A 149 2.52 6.18 19.50
N SER A 150 3.15 7.13 20.20
CA SER A 150 3.69 6.90 21.56
C SER A 150 3.42 8.11 22.46
N ASP A 151 2.88 7.86 23.64
CA ASP A 151 2.65 8.96 24.63
C ASP A 151 3.99 9.53 25.09
N VAL A 152 4.98 8.65 25.24
CA VAL A 152 6.34 9.08 25.66
C VAL A 152 6.83 10.12 24.65
N LEU A 153 6.79 9.76 23.37
CA LEU A 153 7.32 10.65 22.31
C LEU A 153 6.45 11.91 22.19
N ASN A 154 5.14 11.75 22.33
CA ASN A 154 4.24 12.92 22.33
C ASN A 154 4.72 13.87 23.41
N GLU A 155 4.93 13.35 24.62
CA GLU A 155 5.32 14.20 25.77
C GLU A 155 6.74 14.77 25.60
N GLN A 156 7.63 13.99 25.00
CA GLN A 156 9.01 14.46 24.76
C GLN A 156 8.97 15.85 24.11
N PHE A 157 8.17 16.01 23.05
CA PHE A 157 8.18 17.30 22.32
C PHE A 157 7.36 18.34 23.10
N ARG A 158 6.30 17.89 23.77
CA ARG A 158 5.51 18.81 24.62
C ARG A 158 6.45 19.44 25.68
N GLN A 159 7.38 18.64 26.22
CA GLN A 159 8.34 19.15 27.24
C GLN A 159 9.18 20.27 26.63
N LEU A 160 9.38 20.23 25.32
CA LEU A 160 10.20 21.24 24.63
C LEU A 160 9.31 22.37 24.14
N ARG A 161 8.06 22.42 24.62
CA ARG A 161 7.10 23.48 24.25
C ARG A 161 6.87 23.42 22.72
N ALA A 162 6.86 22.22 22.18
CA ALA A 162 6.51 22.04 20.76
C ALA A 162 5.22 21.24 20.66
N ILE A 163 4.65 21.20 19.46
CA ILE A 163 3.41 20.43 19.19
C ILE A 163 3.81 19.04 18.68
N SER A 164 3.16 18.00 19.20
CA SER A 164 3.41 16.63 18.71
C SER A 164 2.20 16.14 17.91
N ARG A 165 2.46 15.47 16.80
CA ARG A 165 1.37 14.88 16.00
C ARG A 165 1.73 13.41 15.76
N LYS A 166 0.96 12.52 16.40
CA LYS A 166 1.16 11.09 16.15
C LYS A 166 0.66 10.78 14.72
N MET A 167 1.54 10.24 13.90
CA MET A 167 1.13 9.87 12.52
C MET A 167 1.82 8.57 12.10
N SER A 168 1.11 7.78 11.30
CA SER A 168 1.68 6.53 10.78
C SER A 168 2.92 6.85 9.93
N PHE A 169 3.88 5.93 9.89
CA PHE A 169 5.16 6.18 9.19
C PHE A 169 4.94 6.48 7.70
N ALA A 170 3.96 5.83 7.10
CA ALA A 170 3.70 6.01 5.66
C ALA A 170 3.30 7.47 5.37
N GLU A 171 2.77 8.17 6.37
CA GLU A 171 2.24 9.54 6.14
C GLU A 171 3.28 10.65 6.36
N VAL A 172 4.48 10.31 6.80
CA VAL A 172 5.46 11.36 7.21
C VAL A 172 5.80 12.31 6.05
N TYR A 173 6.13 11.76 4.89
CA TYR A 173 6.60 12.61 3.78
C TYR A 173 5.53 13.61 3.44
N GLN A 174 4.32 13.11 3.18
CA GLN A 174 3.20 14.01 2.80
C GLN A 174 2.94 15.03 3.92
N GLY A 175 2.97 14.56 5.16
CA GLY A 175 2.74 15.45 6.31
C GLY A 175 3.71 16.61 6.31
N LEU A 176 4.97 16.33 6.01
CA LEU A 176 6.01 17.38 6.07
C LEU A 176 5.90 18.24 4.81
N GLN A 177 5.64 17.60 3.68
CA GLN A 177 5.58 18.35 2.39
C GLN A 177 4.43 19.35 2.44
N THR A 178 3.32 18.98 3.09
CA THR A 178 2.11 19.83 3.13
C THR A 178 2.07 20.77 4.32
N GLY A 179 2.93 20.58 5.32
CA GLY A 179 2.98 21.52 6.45
C GLY A 179 2.14 21.07 7.64
N VAL A 180 1.53 19.89 7.54
CA VAL A 180 0.78 19.34 8.71
C VAL A 180 1.79 19.23 9.85
N VAL A 181 3.01 18.85 9.52
CA VAL A 181 4.12 18.83 10.50
C VAL A 181 5.28 19.59 9.84
N ASN A 182 6.21 20.13 10.63
CA ASN A 182 7.39 20.79 10.01
C ASN A 182 8.69 20.15 10.50
N GLY A 183 8.60 19.14 11.36
CA GLY A 183 9.81 18.41 11.77
C GLY A 183 9.49 17.03 12.30
N THR A 184 10.53 16.23 12.58
CA THR A 184 10.32 14.88 13.11
C THR A 184 11.61 14.33 13.70
N GLU A 185 11.59 13.06 14.11
CA GLU A 185 12.79 12.38 14.62
C GLU A 185 12.81 10.99 13.96
N ASN A 186 14.00 10.52 13.61
CA ASN A 186 14.13 9.15 13.07
C ASN A 186 15.60 8.78 12.86
N THR A 187 15.83 7.58 12.37
CA THR A 187 17.19 7.15 12.05
C THR A 187 17.57 7.68 10.69
N TRP A 188 18.87 7.75 10.43
CA TRP A 188 19.31 8.14 9.08
C TRP A 188 18.68 7.19 8.04
N SER A 189 18.63 5.90 8.33
CA SER A 189 18.10 4.92 7.34
C SER A 189 16.68 5.32 6.95
N ASN A 190 15.82 5.54 7.96
CA ASN A 190 14.40 5.85 7.66
C ASN A 190 14.33 7.17 6.86
N TYR A 191 15.12 8.14 7.27
CA TYR A 191 15.03 9.45 6.58
C TYR A 191 15.39 9.29 5.11
N GLU A 192 16.51 8.62 4.82
CA GLU A 192 17.01 8.56 3.43
C GLU A 192 16.14 7.59 2.61
N SER A 193 15.85 6.44 3.19
CA SER A 193 15.05 5.41 2.47
C SER A 193 13.70 5.98 2.01
N GLN A 194 13.14 6.91 2.78
CA GLN A 194 11.80 7.45 2.47
C GLN A 194 11.95 8.84 1.81
N LYS A 195 13.17 9.25 1.52
CA LYS A 195 13.46 10.54 0.84
C LYS A 195 12.95 11.75 1.64
N VAL A 196 12.81 11.60 2.95
CA VAL A 196 12.27 12.71 3.79
C VAL A 196 13.26 13.88 3.84
N ASN A 197 14.53 13.66 3.51
CA ASN A 197 15.52 14.76 3.44
C ASN A 197 15.11 15.79 2.36
N GLU A 198 14.32 15.34 1.37
CA GLU A 198 13.81 16.26 0.31
C GLU A 198 12.87 17.30 0.94
N VAL A 199 12.30 17.01 2.11
CA VAL A 199 11.30 17.91 2.74
C VAL A 199 11.77 18.36 4.13
N GLN A 200 13.07 18.19 4.42
CA GLN A 200 13.64 18.62 5.72
C GLN A 200 15.03 19.22 5.41
N LYS A 201 15.16 20.53 5.54
CA LYS A 201 16.43 21.21 5.19
C LYS A 201 17.47 21.03 6.29
N TYR A 202 17.02 20.82 7.53
CA TYR A 202 17.99 20.80 8.65
C TYR A 202 17.89 19.52 9.45
N PHE A 203 19.04 18.90 9.69
CA PHE A 203 19.11 17.71 10.55
C PHE A 203 20.06 18.03 11.69
N THR A 204 19.79 17.48 12.87
CA THR A 204 20.70 17.61 14.02
C THR A 204 21.00 16.19 14.52
N GLU A 205 22.26 15.77 14.44
CA GLU A 205 22.69 14.44 14.96
C GLU A 205 22.65 14.54 16.49
N SER A 206 21.51 14.21 17.07
CA SER A 206 21.29 14.37 18.52
C SER A 206 21.48 13.05 19.25
N ASN A 207 21.24 11.93 18.56
CA ASN A 207 21.31 10.62 19.24
C ASN A 207 20.48 10.72 20.53
N HIS A 208 19.30 11.34 20.45
CA HIS A 208 18.47 11.60 21.67
C HIS A 208 17.57 10.43 22.02
N GLY A 209 17.55 9.43 21.16
CA GLY A 209 16.73 8.25 21.37
C GLY A 209 17.09 7.19 20.36
N LEU A 210 16.20 6.22 20.19
CA LEU A 210 16.54 5.12 19.27
C LEU A 210 15.30 4.52 18.59
N VAL A 211 15.54 3.89 17.45
CA VAL A 211 14.47 3.09 16.79
C VAL A 211 14.99 1.64 16.80
N ASP A 212 14.31 0.78 17.53
CA ASP A 212 14.63 -0.67 17.54
C ASP A 212 13.30 -1.41 17.40
N TYR A 213 13.39 -2.69 17.06
CA TYR A 213 12.16 -3.44 16.78
C TYR A 213 12.02 -4.68 17.60
N MET A 214 10.78 -5.04 17.87
CA MET A 214 10.54 -6.35 18.50
C MET A 214 9.88 -7.23 17.43
N VAL A 215 10.60 -8.26 16.99
CA VAL A 215 9.99 -9.24 16.06
C VAL A 215 8.90 -9.96 16.87
N ILE A 216 7.67 -9.95 16.35
CA ILE A 216 6.56 -10.56 17.11
C ILE A 216 5.71 -11.48 16.23
N THR A 217 5.02 -12.39 16.90
CA THR A 217 4.10 -13.28 16.19
C THR A 217 2.83 -13.45 17.00
N ASN A 218 1.85 -14.10 16.40
CA ASN A 218 0.59 -14.43 17.10
C ASN A 218 0.90 -15.69 17.94
N ALA A 219 0.73 -15.58 19.24
CA ALA A 219 1.09 -16.69 20.15
C ALA A 219 0.38 -17.99 19.76
N LYS A 220 -0.90 -17.89 19.43
CA LYS A 220 -1.68 -19.09 19.03
C LYS A 220 -1.03 -19.75 17.79
N PHE A 221 -0.68 -18.94 16.80
CA PHE A 221 -0.08 -19.48 15.55
C PHE A 221 1.28 -20.12 15.89
N TRP A 222 2.12 -19.38 16.58
CA TRP A 222 3.49 -19.86 16.87
C TRP A 222 3.47 -21.08 17.77
N ASN A 223 2.69 -21.01 18.83
CA ASN A 223 2.66 -22.13 19.81
C ASN A 223 1.95 -23.34 19.18
N GLY A 224 1.29 -23.16 18.05
CA GLY A 224 0.56 -24.26 17.40
C GLY A 224 1.36 -24.94 16.32
N LEU A 225 2.54 -24.40 16.02
CA LEU A 225 3.44 -25.01 15.02
C LEU A 225 4.02 -26.32 15.54
N PRO A 226 4.37 -27.27 14.65
CA PRO A 226 5.12 -28.45 15.07
C PRO A 226 6.39 -27.97 15.79
N ALA A 227 6.75 -28.63 16.89
CA ALA A 227 7.93 -28.19 17.69
C ALA A 227 9.20 -28.10 16.86
N ASP A 228 9.44 -29.10 16.03
CA ASP A 228 10.70 -29.12 15.23
C ASP A 228 10.76 -27.89 14.32
N ILE A 229 9.63 -27.53 13.73
CA ILE A 229 9.57 -26.36 12.81
C ILE A 229 9.76 -25.07 13.62
N ARG A 230 8.98 -24.91 14.69
CA ARG A 230 9.15 -23.72 15.57
C ARG A 230 10.62 -23.54 15.95
N GLU A 231 11.24 -24.61 16.47
CA GLU A 231 12.64 -24.50 16.93
C GLU A 231 13.57 -24.09 15.76
N GLU A 232 13.39 -24.70 14.60
CA GLU A 232 14.24 -24.36 13.44
C GLU A 232 14.01 -22.89 13.05
N LEU A 233 12.75 -22.47 13.06
CA LEU A 233 12.44 -21.07 12.66
C LEU A 233 13.13 -20.11 13.66
N GLN A 234 13.07 -20.46 14.95
CA GLN A 234 13.72 -19.61 15.97
C GLN A 234 15.25 -19.56 15.73
N ARG A 235 15.84 -20.71 15.40
CA ARG A 235 17.29 -20.76 15.13
C ARG A 235 17.61 -19.86 13.93
N ILE A 236 16.82 -19.98 12.87
CA ILE A 236 17.00 -19.08 11.70
C ILE A 236 16.87 -17.61 12.15
N MET A 237 15.82 -17.31 12.91
CA MET A 237 15.58 -15.92 13.35
C MET A 237 16.83 -15.39 14.10
N ASP A 238 17.39 -16.22 14.96
CA ASP A 238 18.59 -15.81 15.72
C ASP A 238 19.74 -15.47 14.76
N GLU A 239 19.93 -16.27 13.71
CA GLU A 239 20.97 -15.93 12.69
C GLU A 239 20.59 -14.62 11.96
N VAL A 240 19.31 -14.46 11.64
CA VAL A 240 18.85 -13.24 10.90
C VAL A 240 19.08 -12.00 11.81
N THR A 241 18.82 -12.15 13.10
CA THR A 241 19.05 -11.04 14.06
C THR A 241 20.49 -10.54 13.97
N VAL A 242 21.45 -11.46 13.99
CA VAL A 242 22.89 -11.05 13.93
C VAL A 242 23.08 -10.23 12.65
N GLN A 243 22.59 -10.74 11.53
CA GLN A 243 22.78 -10.04 10.23
C GLN A 243 22.14 -8.65 10.23
N VAL A 244 20.88 -8.57 10.69
CA VAL A 244 20.19 -7.25 10.74
C VAL A 244 21.04 -6.29 11.58
N ASN A 245 21.49 -6.75 12.74
CA ASN A 245 22.22 -5.85 13.68
C ASN A 245 23.50 -5.31 13.01
N LEU A 246 24.15 -6.14 12.21
CA LEU A 246 25.39 -5.72 11.52
C LEU A 246 25.07 -4.75 10.38
N GLU A 247 24.04 -5.05 9.60
CA GLU A 247 23.73 -4.18 8.44
C GLU A 247 23.20 -2.83 8.95
N ALA A 248 22.47 -2.85 10.07
CA ALA A 248 21.88 -1.61 10.61
C ALA A 248 22.94 -0.51 10.72
N GLU A 249 24.07 -0.87 11.31
CA GLU A 249 25.14 0.12 11.54
C GLU A 249 25.62 0.74 10.22
N ARG A 250 25.87 -0.13 9.24
CA ARG A 250 26.45 0.33 7.97
C ARG A 250 25.39 1.09 7.15
N LEU A 251 24.18 0.54 7.10
CA LEU A 251 23.08 1.21 6.37
C LEU A 251 22.83 2.61 6.95
N ASN A 252 22.89 2.75 8.26
CA ASN A 252 22.70 4.10 8.86
C ASN A 252 23.86 5.05 8.45
N ARG A 253 25.08 4.55 8.42
CA ARG A 253 26.23 5.41 8.02
C ARG A 253 26.07 5.86 6.56
N ASP A 254 25.73 4.93 5.67
CA ASP A 254 25.53 5.25 4.23
C ASP A 254 24.42 6.29 4.10
N ALA A 255 23.33 6.09 4.83
CA ALA A 255 22.17 7.01 4.73
C ALA A 255 22.61 8.43 5.11
N ARG A 256 23.38 8.54 6.18
CA ARG A 256 23.88 9.89 6.60
C ARG A 256 24.71 10.49 5.46
N GLN A 257 25.60 9.70 4.88
CA GLN A 257 26.49 10.24 3.82
C GLN A 257 25.64 10.73 2.65
N ARG A 258 24.64 9.95 2.26
CA ARG A 258 23.81 10.30 1.08
C ARG A 258 23.02 11.58 1.38
N ILE A 259 22.60 11.76 2.64
CA ILE A 259 21.85 12.98 3.01
C ILE A 259 22.82 14.18 2.92
N LEU A 260 23.99 14.06 3.50
CA LEU A 260 24.98 15.17 3.47
C LEU A 260 25.37 15.49 2.02
N ALA A 261 25.43 14.48 1.15
CA ALA A 261 25.92 14.72 -0.23
C ALA A 261 24.84 15.37 -1.08
N SER A 262 23.58 15.30 -0.67
CA SER A 262 22.46 15.84 -1.46
C SER A 262 22.67 17.34 -1.71
N GLY A 263 23.22 18.06 -0.73
CA GLY A 263 23.37 19.52 -0.83
C GLY A 263 22.11 20.26 -0.42
N ALA A 264 20.96 19.57 -0.39
CA ALA A 264 19.65 20.23 -0.10
C ALA A 264 19.30 20.16 1.38
N SER A 265 20.14 19.50 2.15
CA SER A 265 19.92 19.41 3.60
C SER A 265 21.25 19.54 4.32
N GLU A 266 21.24 20.20 5.47
CA GLU A 266 22.45 20.31 6.29
C GLU A 266 22.34 19.42 7.52
N ILE A 267 23.48 19.01 8.08
CA ILE A 267 23.47 18.25 9.34
C ILE A 267 24.30 19.02 10.37
N HIS A 268 23.74 19.31 11.51
CA HIS A 268 24.52 19.89 12.62
C HIS A 268 24.75 18.79 13.66
N THR A 269 25.99 18.68 14.13
CA THR A 269 26.32 17.68 15.15
C THR A 269 26.46 18.39 16.47
N LEU A 270 25.77 17.90 17.48
CA LEU A 270 25.77 18.55 18.80
C LEU A 270 27.10 18.30 19.51
N SER A 271 27.61 19.32 20.18
CA SER A 271 28.80 19.13 21.04
C SER A 271 28.37 18.30 22.24
N PRO A 272 29.29 17.60 22.92
CA PRO A 272 28.91 16.92 24.16
C PRO A 272 28.12 17.79 25.13
N GLN A 273 28.43 19.08 25.19
CA GLN A 273 27.76 19.99 26.15
C GLN A 273 26.37 20.37 25.63
N GLN A 274 26.29 20.70 24.36
CA GLN A 274 24.97 20.99 23.77
C GLN A 274 24.08 19.76 24.03
N ARG A 275 24.60 18.57 23.78
CA ARG A 275 23.83 17.32 24.02
C ARG A 275 23.37 17.25 25.49
N ALA A 276 24.24 17.61 26.43
CA ALA A 276 23.87 17.61 27.86
C ALA A 276 22.71 18.59 28.11
N ASP A 277 22.73 19.71 27.40
CA ASP A 277 21.67 20.73 27.57
C ASP A 277 20.35 20.21 26.98
N TRP A 278 20.40 19.58 25.80
CA TRP A 278 19.17 18.96 25.24
C TRP A 278 18.67 17.87 26.21
N ARG A 279 19.59 17.10 26.75
CA ARG A 279 19.19 16.04 27.73
C ARG A 279 18.51 16.70 28.92
N GLN A 280 19.16 17.71 29.49
CA GLN A 280 18.57 18.41 30.65
C GLN A 280 17.15 18.89 30.33
N ALA A 281 16.93 19.39 29.11
CA ALA A 281 15.62 19.95 28.75
C ALA A 281 14.58 18.84 28.55
N MET A 282 15.00 17.69 28.07
CA MET A 282 14.04 16.61 27.70
C MET A 282 13.85 15.60 28.83
N GLN A 283 14.90 15.27 29.58
CA GLN A 283 14.83 14.27 30.68
C GLN A 283 13.64 14.46 31.63
N PRO A 284 13.14 15.68 31.98
CA PRO A 284 11.94 15.78 32.81
C PRO A 284 10.78 14.85 32.42
N VAL A 285 10.68 14.47 31.15
CA VAL A 285 9.56 13.60 30.68
C VAL A 285 9.60 12.22 31.37
N TRP A 286 10.76 11.82 31.86
CA TRP A 286 10.88 10.47 32.44
C TRP A 286 9.94 10.34 33.65
N GLN A 287 9.75 11.44 34.38
CA GLN A 287 8.91 11.43 35.60
C GLN A 287 7.47 10.99 35.27
N LYS A 288 7.00 11.34 34.09
CA LYS A 288 5.63 10.96 33.67
C LYS A 288 5.50 9.45 33.44
N PHE A 289 6.59 8.72 33.22
CA PHE A 289 6.46 7.27 32.88
C PHE A 289 7.17 6.38 33.90
N ARG A 290 7.84 6.98 34.87
CA ARG A 290 8.60 6.24 35.91
C ARG A 290 7.71 5.19 36.59
N GLY A 291 6.47 5.56 36.87
CA GLY A 291 5.53 4.61 37.49
C GLY A 291 5.22 3.43 36.58
N ASN A 292 4.98 3.68 35.30
CA ASN A 292 4.64 2.60 34.34
C ASN A 292 5.82 1.63 34.20
N VAL A 293 7.03 2.15 34.05
CA VAL A 293 8.17 1.24 33.77
C VAL A 293 8.70 0.63 35.08
N GLY A 294 8.76 1.43 36.14
CA GLY A 294 9.22 0.94 37.45
C GLY A 294 10.70 1.23 37.68
N ALA A 295 11.13 1.23 38.94
CA ALA A 295 12.53 1.61 39.25
C ALA A 295 13.52 0.56 38.75
N ASP A 296 13.13 -0.72 38.76
CA ASP A 296 14.07 -1.80 38.40
C ASP A 296 14.47 -1.73 36.93
N LEU A 297 13.48 -1.60 36.06
CA LEU A 297 13.77 -1.48 34.60
C LEU A 297 14.63 -0.24 34.34
N LEU A 298 14.29 0.87 34.97
CA LEU A 298 15.05 2.13 34.80
C LEU A 298 16.48 1.93 35.31
N GLN A 299 16.64 1.24 36.43
CA GLN A 299 17.98 0.91 36.96
C GLN A 299 18.74 0.05 35.94
N ALA A 300 18.11 -1.01 35.46
CA ALA A 300 18.76 -1.92 34.52
C ALA A 300 19.17 -1.17 33.26
N ALA A 301 18.27 -0.33 32.77
CA ALA A 301 18.56 0.44 31.55
C ALA A 301 19.74 1.39 31.80
N GLU A 302 19.68 2.13 32.89
CA GLU A 302 20.80 3.03 33.24
C GLU A 302 22.11 2.21 33.38
N ALA A 303 22.06 1.04 33.99
CA ALA A 303 23.28 0.22 34.18
C ALA A 303 23.85 -0.22 32.83
N SER A 304 23.03 -0.20 31.79
CA SER A 304 23.46 -0.75 30.47
C SER A 304 24.46 0.19 29.80
N ASN A 305 24.54 1.42 30.29
CA ASN A 305 25.46 2.44 29.74
C ASN A 305 26.89 2.19 30.22
N ARG A 306 27.06 1.22 31.10
CA ARG A 306 28.44 0.85 31.55
C ARG A 306 29.09 -0.08 30.51
N GLN B 2 -18.42 -33.42 -3.07
CA GLN B 2 -19.10 -32.10 -3.05
C GLN B 2 -18.07 -30.97 -3.03
N PRO B 3 -17.49 -30.59 -4.18
CA PRO B 3 -16.53 -29.51 -4.23
C PRO B 3 -17.14 -28.12 -4.06
N ILE B 4 -16.33 -27.20 -3.56
CA ILE B 4 -16.80 -25.80 -3.51
C ILE B 4 -16.74 -25.25 -4.95
N VAL B 5 -17.82 -24.63 -5.38
CA VAL B 5 -17.89 -24.08 -6.76
C VAL B 5 -17.63 -22.57 -6.76
N ILE B 6 -16.72 -22.12 -7.60
CA ILE B 6 -16.49 -20.66 -7.81
C ILE B 6 -16.77 -20.35 -9.28
N LYS B 7 -17.92 -19.78 -9.57
CA LYS B 7 -18.19 -19.32 -10.94
C LYS B 7 -17.59 -17.91 -11.05
N PHE B 8 -16.72 -17.71 -12.03
CA PHE B 8 -16.07 -16.40 -12.26
C PHE B 8 -16.60 -15.90 -13.60
N SER B 9 -17.42 -14.85 -13.56
CA SER B 9 -18.02 -14.28 -14.78
C SER B 9 -17.33 -12.96 -15.08
N HIS B 10 -17.19 -12.67 -16.38
CA HIS B 10 -16.64 -11.35 -16.78
C HIS B 10 -17.18 -10.98 -18.17
N VAL B 11 -17.00 -9.72 -18.54
CA VAL B 11 -17.60 -9.23 -19.82
C VAL B 11 -16.56 -9.09 -20.94
N VAL B 12 -15.32 -9.53 -20.71
CA VAL B 12 -14.28 -9.27 -21.73
C VAL B 12 -13.91 -10.54 -22.49
N ALA B 13 -13.23 -10.33 -23.61
CA ALA B 13 -12.73 -11.48 -24.41
C ALA B 13 -11.70 -12.27 -23.60
N GLU B 14 -11.41 -13.48 -24.07
CA GLU B 14 -10.45 -14.36 -23.36
C GLU B 14 -9.02 -13.87 -23.56
N ASN B 15 -8.73 -13.28 -24.71
CA ASN B 15 -7.36 -12.83 -25.05
C ASN B 15 -7.14 -11.43 -24.47
N THR B 16 -7.33 -11.29 -23.16
CA THR B 16 -7.24 -9.99 -22.48
C THR B 16 -6.58 -10.19 -21.13
N PRO B 17 -6.11 -9.12 -20.44
CA PRO B 17 -5.57 -9.30 -19.11
C PRO B 17 -6.53 -10.04 -18.17
N LYS B 18 -7.79 -9.56 -18.11
CA LYS B 18 -8.80 -10.18 -17.20
C LYS B 18 -9.18 -11.59 -17.69
N GLY B 19 -9.30 -11.77 -18.98
CA GLY B 19 -9.63 -13.10 -19.53
C GLY B 19 -8.58 -14.13 -19.15
N GLN B 20 -7.32 -13.78 -19.35
CA GLN B 20 -6.22 -14.74 -19.07
C GLN B 20 -6.12 -14.93 -17.54
N GLY B 21 -6.32 -13.84 -16.80
CA GLY B 21 -6.24 -13.95 -15.33
C GLY B 21 -7.25 -14.92 -14.76
N ALA B 22 -8.49 -14.83 -15.27
CA ALA B 22 -9.53 -15.74 -14.77
C ALA B 22 -9.19 -17.19 -15.11
N LEU B 23 -8.72 -17.40 -16.34
CA LEU B 23 -8.31 -18.78 -16.77
C LEU B 23 -7.16 -19.32 -15.91
N LEU B 24 -6.19 -18.48 -15.60
CA LEU B 24 -5.03 -18.91 -14.78
C LEU B 24 -5.52 -19.23 -13.36
N PHE B 25 -6.37 -18.37 -12.82
CA PHE B 25 -6.93 -18.62 -11.45
C PHE B 25 -7.54 -20.04 -11.45
N LYS B 26 -8.38 -20.31 -12.44
CA LYS B 26 -8.97 -21.66 -12.54
C LYS B 26 -7.85 -22.71 -12.56
N LYS B 27 -6.87 -22.52 -13.43
CA LYS B 27 -5.81 -23.55 -13.59
C LYS B 27 -5.08 -23.80 -12.26
N LEU B 28 -4.62 -22.72 -11.63
CA LEU B 28 -3.81 -22.90 -10.39
C LEU B 28 -4.65 -23.50 -9.25
N VAL B 29 -5.89 -23.05 -9.14
CA VAL B 29 -6.80 -23.59 -8.08
C VAL B 29 -6.97 -25.11 -8.28
N GLU B 30 -7.23 -25.51 -9.52
CA GLU B 30 -7.49 -26.94 -9.77
C GLU B 30 -6.18 -27.74 -9.61
N GLN B 31 -5.03 -27.11 -9.83
CA GLN B 31 -3.74 -27.82 -9.64
C GLN B 31 -3.41 -27.96 -8.14
N ARG B 32 -3.78 -26.97 -7.32
CA ARG B 32 -3.32 -26.99 -5.91
C ARG B 32 -4.39 -27.36 -4.88
N LEU B 33 -5.67 -27.23 -5.21
CA LEU B 33 -6.70 -27.44 -4.17
C LEU B 33 -7.24 -28.87 -4.26
N GLY B 34 -6.74 -29.68 -5.19
CA GLY B 34 -7.08 -31.12 -5.26
C GLY B 34 -8.56 -31.42 -5.27
N GLY B 35 -9.29 -30.86 -6.23
CA GLY B 35 -10.72 -31.16 -6.34
C GLY B 35 -11.54 -30.73 -5.13
N ARG B 36 -10.99 -29.90 -4.24
CA ARG B 36 -11.83 -29.36 -3.15
C ARG B 36 -12.54 -28.10 -3.67
N VAL B 37 -11.95 -27.47 -4.68
CA VAL B 37 -12.55 -26.26 -5.28
C VAL B 37 -12.56 -26.39 -6.81
N GLU B 38 -13.66 -25.97 -7.41
CA GLU B 38 -13.76 -25.96 -8.89
C GLU B 38 -14.03 -24.51 -9.30
N VAL B 39 -13.42 -24.11 -10.41
CA VAL B 39 -13.60 -22.74 -10.92
C VAL B 39 -14.20 -22.84 -12.33
N ASP B 40 -15.38 -22.27 -12.50
CA ASP B 40 -16.00 -22.20 -13.85
C ASP B 40 -15.88 -20.75 -14.34
N VAL B 41 -15.23 -20.56 -15.48
CA VAL B 41 -15.00 -19.20 -16.02
C VAL B 41 -16.00 -18.92 -17.15
N TYR B 42 -16.65 -17.77 -17.11
CA TYR B 42 -17.65 -17.38 -18.11
C TYR B 42 -17.25 -16.02 -18.67
N PRO B 43 -16.62 -16.03 -19.84
CA PRO B 43 -16.17 -14.79 -20.43
C PRO B 43 -17.19 -14.12 -21.31
N ASN B 44 -16.88 -12.90 -21.70
CA ASN B 44 -17.68 -12.20 -22.74
C ASN B 44 -19.18 -12.11 -22.40
N SER B 45 -19.51 -11.95 -21.12
CA SER B 45 -20.92 -11.77 -20.69
C SER B 45 -21.74 -13.05 -20.98
N SER B 46 -21.04 -14.16 -21.15
CA SER B 46 -21.71 -15.46 -21.45
C SER B 46 -22.72 -15.81 -20.35
N LEU B 47 -22.38 -15.51 -19.10
CA LEU B 47 -23.28 -15.86 -17.97
C LEU B 47 -24.05 -14.61 -17.55
N PHE B 48 -23.30 -13.56 -17.21
CA PHE B 48 -23.92 -12.29 -16.78
C PHE B 48 -23.11 -11.12 -17.33
N GLY B 49 -23.84 -10.09 -17.71
CA GLY B 49 -23.19 -8.90 -18.25
C GLY B 49 -23.12 -7.81 -17.21
N ASP B 50 -22.78 -6.60 -17.67
CA ASP B 50 -22.65 -5.46 -16.75
C ASP B 50 -23.93 -5.31 -15.93
N GLY B 51 -23.81 -4.91 -14.67
CA GLY B 51 -24.98 -4.69 -13.80
C GLY B 51 -25.55 -5.98 -13.28
N LYS B 52 -26.07 -6.79 -14.19
CA LYS B 52 -26.64 -8.09 -13.78
C LYS B 52 -25.60 -8.88 -12.96
N GLU B 53 -24.33 -8.81 -13.37
CA GLU B 53 -23.29 -9.60 -12.68
C GLU B 53 -23.31 -9.30 -11.16
N MET B 54 -23.44 -8.02 -10.82
CA MET B 54 -23.41 -7.62 -9.40
C MET B 54 -24.67 -8.14 -8.68
N GLU B 55 -25.81 -8.06 -9.34
CA GLU B 55 -27.07 -8.58 -8.76
C GLU B 55 -26.88 -10.08 -8.46
N ALA B 56 -26.33 -10.80 -9.42
CA ALA B 56 -26.12 -12.27 -9.26
C ALA B 56 -25.12 -12.56 -8.13
N LEU B 57 -24.10 -11.72 -8.02
CA LEU B 57 -23.10 -11.92 -6.96
C LEU B 57 -23.80 -11.81 -5.60
N LEU B 58 -24.61 -10.77 -5.45
CA LEU B 58 -25.30 -10.56 -4.15
C LEU B 58 -26.31 -11.68 -3.88
N LEU B 59 -26.90 -12.25 -4.92
CA LEU B 59 -27.93 -13.30 -4.74
C LEU B 59 -27.28 -14.69 -4.54
N GLY B 60 -26.05 -14.89 -5.02
CA GLY B 60 -25.39 -16.20 -4.91
C GLY B 60 -25.41 -17.01 -6.18
N ASP B 61 -25.67 -16.36 -7.32
CA ASP B 61 -25.70 -17.07 -8.62
C ASP B 61 -24.31 -17.01 -9.27
N VAL B 62 -23.40 -16.26 -8.65
CA VAL B 62 -21.99 -16.18 -9.12
C VAL B 62 -21.12 -15.91 -7.88
N GLN B 63 -19.84 -16.29 -7.89
CA GLN B 63 -18.99 -16.17 -6.66
C GLN B 63 -17.80 -15.21 -6.85
N MET B 64 -17.45 -14.93 -8.09
CA MET B 64 -16.28 -14.05 -8.34
C MET B 64 -16.50 -13.21 -9.60
N LEU B 65 -16.15 -11.95 -9.50
CA LEU B 65 -16.25 -11.00 -10.62
C LEU B 65 -15.00 -10.10 -10.57
N ALA B 66 -14.76 -9.36 -11.64
CA ALA B 66 -13.67 -8.38 -11.61
C ALA B 66 -14.10 -7.15 -12.42
N PRO B 67 -15.13 -6.42 -11.96
CA PRO B 67 -15.66 -5.31 -12.72
C PRO B 67 -14.75 -4.12 -12.73
N SER B 68 -14.88 -3.33 -13.79
CA SER B 68 -14.14 -2.05 -13.84
C SER B 68 -14.45 -1.23 -12.59
N LEU B 69 -13.47 -0.49 -12.11
CA LEU B 69 -13.66 0.38 -10.92
C LEU B 69 -14.69 1.49 -11.20
N ALA B 70 -15.06 1.68 -12.45
CA ALA B 70 -16.06 2.72 -12.82
C ALA B 70 -17.48 2.24 -12.54
N LYS B 71 -17.66 0.99 -12.10
CA LYS B 71 -19.02 0.41 -12.02
C LYS B 71 -19.52 0.10 -10.59
N PHE B 72 -19.10 0.87 -9.60
CA PHE B 72 -19.47 0.54 -8.20
C PHE B 72 -20.21 1.71 -7.50
N GLU B 73 -20.62 2.74 -8.25
CA GLU B 73 -21.26 3.94 -7.62
C GLU B 73 -22.54 3.57 -6.82
N GLN B 74 -23.20 2.48 -7.17
CA GLN B 74 -24.41 2.08 -6.41
C GLN B 74 -24.02 1.46 -5.06
N TYR B 75 -22.73 1.16 -4.86
CA TYR B 75 -22.28 0.45 -3.62
C TYR B 75 -21.41 1.35 -2.77
N THR B 76 -20.66 2.25 -3.39
CA THR B 76 -19.84 3.22 -2.67
C THR B 76 -19.60 4.42 -3.56
N ARG B 77 -19.38 5.57 -2.96
CA ARG B 77 -19.04 6.79 -3.75
C ARG B 77 -17.52 6.98 -3.80
N LYS B 78 -16.76 6.15 -3.09
CA LYS B 78 -15.30 6.36 -2.99
C LYS B 78 -14.52 5.85 -4.21
N VAL B 79 -14.88 4.68 -4.75
CA VAL B 79 -14.10 4.06 -5.86
C VAL B 79 -14.22 4.91 -7.15
N GLN B 80 -15.19 5.81 -7.22
CA GLN B 80 -15.35 6.70 -8.42
C GLN B 80 -14.12 7.61 -8.57
N ILE B 81 -13.27 7.66 -7.57
CA ILE B 81 -11.97 8.41 -7.70
C ILE B 81 -11.25 7.91 -8.95
N PHE B 82 -11.35 6.62 -9.26
CA PHE B 82 -10.57 6.05 -10.37
C PHE B 82 -11.09 6.53 -11.72
N ASP B 83 -12.22 7.26 -11.74
CA ASP B 83 -12.84 7.71 -13.01
C ASP B 83 -12.45 9.16 -13.32
N LEU B 84 -11.91 9.86 -12.33
CA LEU B 84 -11.58 11.28 -12.52
C LEU B 84 -10.54 11.41 -13.65
N PRO B 85 -10.85 12.18 -14.71
CA PRO B 85 -9.94 12.30 -15.83
C PRO B 85 -8.59 12.93 -15.50
N PHE B 86 -7.51 12.34 -16.02
CA PHE B 86 -6.14 12.88 -15.87
C PHE B 86 -5.65 12.89 -14.39
N LEU B 87 -6.30 12.15 -13.51
CA LEU B 87 -5.81 12.07 -12.11
C LEU B 87 -4.49 11.30 -12.08
N PHE B 88 -4.44 10.18 -12.80
CA PHE B 88 -3.24 9.31 -12.77
C PHE B 88 -2.51 9.49 -14.08
N ASP B 89 -1.22 9.73 -14.00
CA ASP B 89 -0.41 10.01 -15.20
C ASP B 89 -0.24 8.71 -15.99
N ASP B 90 -0.16 7.60 -15.27
CA ASP B 90 0.09 6.29 -15.91
C ASP B 90 -0.25 5.16 -14.95
N ILE B 91 -0.13 3.92 -15.39
CA ILE B 91 -0.52 2.76 -14.55
C ILE B 91 0.37 2.63 -13.31
N GLN B 92 1.64 3.01 -13.42
CA GLN B 92 2.57 2.94 -12.25
C GLN B 92 2.02 3.84 -11.13
N ALA B 93 1.49 5.01 -11.50
CA ALA B 93 0.85 5.89 -10.50
C ALA B 93 -0.37 5.19 -9.86
N VAL B 94 -1.28 4.66 -10.67
CA VAL B 94 -2.47 3.94 -10.14
C VAL B 94 -1.97 2.82 -9.22
N ASP B 95 -0.92 2.13 -9.64
CA ASP B 95 -0.42 0.99 -8.83
C ASP B 95 -0.01 1.48 -7.43
N ARG B 96 0.67 2.63 -7.37
CA ARG B 96 1.16 3.14 -6.06
C ARG B 96 -0.05 3.51 -5.19
N PHE B 97 -1.05 4.14 -5.78
CA PHE B 97 -2.27 4.50 -5.02
C PHE B 97 -2.96 3.23 -4.51
N GLN B 98 -3.10 2.25 -5.39
CA GLN B 98 -3.79 0.98 -5.01
C GLN B 98 -3.00 0.27 -3.89
N ARG B 99 -1.69 0.49 -3.83
CA ARG B 99 -0.85 -0.19 -2.82
C ARG B 99 -0.79 0.68 -1.56
N SER B 100 -1.17 1.94 -1.67
CA SER B 100 -1.22 2.83 -0.49
C SER B 100 -2.26 2.32 0.52
N PRO B 101 -2.09 2.54 1.84
CA PRO B 101 -3.11 2.17 2.80
C PRO B 101 -4.51 2.66 2.41
N GLN B 102 -4.59 3.87 1.85
CA GLN B 102 -5.90 4.45 1.41
C GLN B 102 -6.49 3.66 0.23
N GLY B 103 -5.65 3.33 -0.74
CA GLY B 103 -6.13 2.55 -1.89
C GLY B 103 -6.54 1.17 -1.46
N ARG B 104 -5.73 0.54 -0.61
CA ARG B 104 -6.02 -0.85 -0.18
C ARG B 104 -7.36 -0.86 0.58
N ALA B 105 -7.59 0.17 1.39
CA ALA B 105 -8.85 0.31 2.17
C ALA B 105 -10.09 0.21 1.28
N LEU B 106 -10.01 0.70 0.04
CA LEU B 106 -11.17 0.70 -0.87
C LEU B 106 -11.63 -0.75 -1.18
N LEU B 107 -10.73 -1.72 -1.05
CA LEU B 107 -11.12 -3.13 -1.28
C LEU B 107 -12.23 -3.57 -0.29
N THR B 108 -12.34 -2.91 0.85
CA THR B 108 -13.40 -3.24 1.85
C THR B 108 -14.47 -2.17 1.92
N SER B 109 -14.49 -1.22 0.99
CA SER B 109 -15.45 -0.09 1.01
C SER B 109 -16.91 -0.55 0.85
N MET B 110 -17.15 -1.75 0.35
CA MET B 110 -18.51 -2.22 0.05
C MET B 110 -18.87 -3.45 0.91
N GLN B 111 -18.04 -3.75 1.89
CA GLN B 111 -18.29 -4.88 2.82
C GLN B 111 -19.69 -4.79 3.46
N GLY B 112 -20.15 -3.57 3.76
CA GLY B 112 -21.48 -3.36 4.37
C GLY B 112 -22.60 -3.74 3.43
N LYS B 113 -22.32 -3.81 2.13
CA LYS B 113 -23.33 -4.15 1.11
C LYS B 113 -23.12 -5.60 0.67
N GLY B 114 -22.18 -6.32 1.28
CA GLY B 114 -21.98 -7.76 1.00
C GLY B 114 -20.89 -8.05 -0.02
N ILE B 115 -20.13 -7.04 -0.42
CA ILE B 115 -19.11 -7.20 -1.50
C ILE B 115 -17.70 -7.13 -0.89
N LEU B 116 -16.87 -8.10 -1.24
CA LEU B 116 -15.47 -8.12 -0.72
C LEU B 116 -14.49 -7.99 -1.88
N GLY B 117 -13.63 -6.99 -1.81
CA GLY B 117 -12.56 -6.88 -2.82
C GLY B 117 -11.36 -7.74 -2.45
N LEU B 118 -10.81 -8.49 -3.41
CA LEU B 118 -9.69 -9.43 -3.12
C LEU B 118 -8.37 -8.90 -3.73
N ALA B 119 -8.48 -8.04 -4.71
CA ALA B 119 -7.29 -7.56 -5.40
C ALA B 119 -7.62 -6.50 -6.45
N TYR B 120 -6.58 -5.81 -6.89
CA TYR B 120 -6.73 -4.89 -8.03
C TYR B 120 -6.05 -5.56 -9.22
N TRP B 121 -6.69 -5.58 -10.37
CA TRP B 121 -6.08 -6.08 -11.62
C TRP B 121 -6.04 -4.93 -12.62
N HIS B 122 -4.90 -4.73 -13.27
CA HIS B 122 -4.79 -3.62 -14.23
C HIS B 122 -5.23 -4.04 -15.63
N ASN B 123 -5.75 -3.07 -16.40
CA ASN B 123 -5.98 -3.30 -17.84
C ASN B 123 -5.03 -2.29 -18.50
N GLY B 124 -5.42 -1.02 -18.46
CA GLY B 124 -4.54 0.01 -19.00
C GLY B 124 -5.16 1.39 -19.01
N MET B 125 -4.46 2.34 -19.60
CA MET B 125 -4.99 3.71 -19.74
C MET B 125 -6.09 3.71 -20.82
N LYS B 126 -6.96 4.71 -20.75
CA LYS B 126 -8.08 4.84 -21.71
C LYS B 126 -7.70 5.77 -22.86
N GLN B 127 -8.11 5.41 -24.07
CA GLN B 127 -7.92 6.29 -25.23
C GLN B 127 -9.29 6.75 -25.71
N LEU B 128 -9.31 7.59 -26.73
CA LEU B 128 -10.59 8.07 -27.29
C LEU B 128 -10.77 7.50 -28.69
N SER B 129 -12.01 7.35 -29.11
CA SER B 129 -12.31 6.82 -30.46
C SER B 129 -13.56 7.50 -31.01
N ALA B 130 -13.61 7.68 -32.33
CA ALA B 130 -14.82 8.22 -32.97
C ALA B 130 -14.72 8.03 -34.48
N ASN B 131 -15.79 8.41 -35.17
CA ASN B 131 -15.81 8.32 -36.66
C ASN B 131 -15.36 9.67 -37.22
N ARG B 132 -14.87 10.54 -36.35
CA ARG B 132 -14.31 11.86 -36.76
C ARG B 132 -13.02 12.07 -35.97
N PRO B 133 -12.01 12.74 -36.53
CA PRO B 133 -10.81 13.05 -35.77
C PRO B 133 -11.06 13.75 -34.45
N LEU B 134 -10.38 13.29 -33.40
CA LEU B 134 -10.46 13.96 -32.07
C LEU B 134 -9.07 14.49 -31.73
N LEU B 135 -8.74 15.68 -32.20
CA LEU B 135 -7.37 16.21 -32.00
C LEU B 135 -7.39 17.25 -30.88
N GLU B 136 -8.41 18.08 -30.88
CA GLU B 136 -8.55 19.10 -29.81
C GLU B 136 -9.85 18.88 -29.04
N PRO B 137 -9.96 19.38 -27.80
CA PRO B 137 -11.14 19.15 -26.99
C PRO B 137 -12.45 19.55 -27.68
N GLU B 138 -12.42 20.61 -28.50
CA GLU B 138 -13.62 21.09 -29.23
C GLU B 138 -14.14 20.04 -30.21
N ASP B 139 -13.26 19.22 -30.74
CA ASP B 139 -13.65 18.16 -31.71
C ASP B 139 -14.71 17.21 -31.12
N ALA B 140 -14.80 17.11 -29.79
CA ALA B 140 -15.75 16.16 -29.16
C ALA B 140 -17.17 16.73 -29.06
N ARG B 141 -17.33 18.04 -29.32
CA ARG B 141 -18.66 18.69 -29.16
C ARG B 141 -19.73 18.00 -30.01
N GLY B 142 -20.88 17.70 -29.42
CA GLY B 142 -22.02 17.14 -30.16
C GLY B 142 -21.95 15.66 -30.47
N LEU B 143 -20.80 15.03 -30.26
CA LEU B 143 -20.69 13.57 -30.50
C LEU B 143 -21.44 12.78 -29.42
N LYS B 144 -21.78 11.54 -29.75
CA LYS B 144 -22.46 10.64 -28.80
C LYS B 144 -21.42 9.61 -28.34
N PHE B 145 -21.01 9.72 -27.08
CA PHE B 145 -19.99 8.79 -26.55
C PHE B 145 -20.61 7.74 -25.64
N ARG B 146 -20.28 6.49 -25.93
CA ARG B 146 -20.72 5.39 -25.04
C ARG B 146 -19.81 5.44 -23.82
N VAL B 147 -20.41 5.39 -22.64
CA VAL B 147 -19.58 5.30 -21.41
C VAL B 147 -20.04 4.07 -20.61
N GLN B 148 -19.18 3.64 -19.70
CA GLN B 148 -19.61 2.62 -18.73
C GLN B 148 -20.68 3.30 -17.85
N ALA B 149 -21.43 2.52 -17.10
CA ALA B 149 -22.46 3.09 -16.21
C ALA B 149 -21.80 3.83 -15.04
N SER B 150 -21.35 5.06 -15.27
CA SER B 150 -20.68 5.88 -14.22
C SER B 150 -21.14 7.35 -14.35
N ASP B 151 -21.51 7.95 -13.23
CA ASP B 151 -21.88 9.40 -13.27
C ASP B 151 -20.63 10.23 -13.63
N VAL B 152 -19.45 9.79 -13.19
CA VAL B 152 -18.21 10.59 -13.47
C VAL B 152 -17.99 10.61 -15.00
N LEU B 153 -18.03 9.46 -15.66
CA LEU B 153 -17.73 9.38 -17.12
C LEU B 153 -18.83 10.09 -17.91
N ASN B 154 -20.06 10.04 -17.41
CA ASN B 154 -21.19 10.78 -18.02
C ASN B 154 -20.84 12.27 -17.99
N GLU B 155 -20.49 12.77 -16.82
CA GLU B 155 -20.17 14.20 -16.64
C GLU B 155 -18.90 14.60 -17.42
N GLN B 156 -17.95 13.68 -17.56
CA GLN B 156 -16.69 13.96 -18.30
C GLN B 156 -17.02 14.42 -19.73
N PHE B 157 -17.90 13.71 -20.40
CA PHE B 157 -18.23 14.06 -21.80
C PHE B 157 -19.21 15.21 -21.82
N ARG B 158 -20.12 15.25 -20.84
CA ARG B 158 -21.03 16.40 -20.76
C ARG B 158 -20.17 17.66 -20.65
N GLN B 159 -19.05 17.59 -19.93
CA GLN B 159 -18.16 18.76 -19.77
C GLN B 159 -17.59 19.19 -21.12
N LEU B 160 -17.49 18.28 -22.08
CA LEU B 160 -16.93 18.58 -23.43
C LEU B 160 -18.07 18.96 -24.38
N ARG B 161 -19.27 19.18 -23.83
CA ARG B 161 -20.47 19.48 -24.64
C ARG B 161 -20.75 18.29 -25.57
N ALA B 162 -20.51 17.09 -25.07
CA ALA B 162 -20.85 15.89 -25.85
C ALA B 162 -22.04 15.18 -25.20
N ILE B 163 -22.60 14.19 -25.89
CA ILE B 163 -23.71 13.39 -25.30
C ILE B 163 -23.08 12.11 -24.74
N SER B 164 -23.49 11.72 -23.56
CA SER B 164 -23.01 10.45 -22.97
C SER B 164 -24.17 9.45 -22.97
N ARG B 165 -23.89 8.21 -23.35
CA ARG B 165 -24.91 7.16 -23.31
C ARG B 165 -24.32 5.97 -22.52
N LYS B 166 -24.89 5.70 -21.36
CA LYS B 166 -24.42 4.56 -20.54
C LYS B 166 -24.91 3.27 -21.21
N MET B 167 -23.96 2.42 -21.57
CA MET B 167 -24.34 1.13 -22.20
C MET B 167 -23.41 0.01 -21.69
N SER B 168 -23.96 -1.20 -21.62
CA SER B 168 -23.16 -2.36 -21.21
C SER B 168 -22.04 -2.64 -22.23
N PHE B 169 -20.91 -3.12 -21.75
CA PHE B 169 -19.74 -3.40 -22.63
C PHE B 169 -20.16 -4.24 -23.87
N ALA B 170 -21.03 -5.24 -23.68
CA ALA B 170 -21.39 -6.14 -24.81
C ALA B 170 -22.07 -5.38 -25.95
N GLU B 171 -22.70 -4.24 -25.65
CA GLU B 171 -23.49 -3.53 -26.68
C GLU B 171 -22.66 -2.49 -27.45
N VAL B 172 -21.41 -2.28 -27.06
CA VAL B 172 -20.62 -1.17 -27.68
C VAL B 172 -20.51 -1.33 -29.20
N TYR B 173 -20.08 -2.51 -29.66
CA TYR B 173 -19.85 -2.66 -31.12
C TYR B 173 -21.09 -2.25 -31.90
N GLN B 174 -22.22 -2.83 -31.55
CA GLN B 174 -23.47 -2.55 -32.31
C GLN B 174 -23.88 -1.08 -32.16
N GLY B 175 -23.69 -0.52 -30.96
CA GLY B 175 -24.01 0.90 -30.77
C GLY B 175 -23.25 1.76 -31.76
N LEU B 176 -21.95 1.50 -31.92
CA LEU B 176 -21.13 2.34 -32.81
C LEU B 176 -21.50 2.01 -34.26
N GLN B 177 -21.67 0.74 -34.56
CA GLN B 177 -22.02 0.31 -35.93
C GLN B 177 -23.34 0.96 -36.38
N THR B 178 -24.31 1.12 -35.47
CA THR B 178 -25.67 1.63 -35.82
C THR B 178 -25.80 3.14 -35.72
N GLY B 179 -24.85 3.80 -35.10
CA GLY B 179 -24.98 5.26 -34.90
C GLY B 179 -25.65 5.64 -33.59
N VAL B 180 -26.12 4.66 -32.80
CA VAL B 180 -26.67 5.00 -31.44
C VAL B 180 -25.62 5.86 -30.74
N VAL B 181 -24.36 5.46 -30.84
CA VAL B 181 -23.22 6.27 -30.32
C VAL B 181 -22.22 6.43 -31.49
N ASN B 182 -21.42 7.48 -31.47
CA ASN B 182 -20.45 7.76 -32.58
C ASN B 182 -19.02 7.57 -32.08
N GLY B 183 -18.84 7.55 -30.76
CA GLY B 183 -17.51 7.42 -30.17
C GLY B 183 -17.54 6.78 -28.80
N THR B 184 -16.35 6.48 -28.26
CA THR B 184 -16.25 5.93 -26.90
C THR B 184 -14.86 6.11 -26.36
N GLU B 185 -14.60 5.48 -25.23
CA GLU B 185 -13.28 5.52 -24.59
C GLU B 185 -13.00 4.10 -24.06
N ASN B 186 -11.78 3.64 -24.24
CA ASN B 186 -11.40 2.32 -23.70
C ASN B 186 -9.90 2.05 -23.90
N THR B 187 -9.46 0.90 -23.41
CA THR B 187 -8.07 0.48 -23.60
C THR B 187 -7.91 -0.10 -24.98
N TRP B 188 -6.69 -0.05 -25.50
CA TRP B 188 -6.39 -0.70 -26.79
C TRP B 188 -6.87 -2.15 -26.74
N SER B 189 -6.62 -2.84 -25.63
CA SER B 189 -6.98 -4.28 -25.52
C SER B 189 -8.47 -4.49 -25.76
N ASN B 190 -9.29 -3.69 -25.09
CA ASN B 190 -10.76 -3.81 -25.27
C ASN B 190 -11.15 -3.49 -26.72
N TYR B 191 -10.60 -2.42 -27.27
CA TYR B 191 -10.97 -2.01 -28.64
C TYR B 191 -10.65 -3.13 -29.61
N GLU B 192 -9.44 -3.68 -29.53
CA GLU B 192 -8.99 -4.67 -30.53
C GLU B 192 -9.66 -6.01 -30.29
N SER B 193 -9.71 -6.45 -29.04
CA SER B 193 -10.27 -7.77 -28.69
C SER B 193 -11.74 -7.88 -29.09
N GLN B 194 -12.45 -6.75 -29.12
CA GLN B 194 -13.90 -6.75 -29.48
C GLN B 194 -14.04 -6.23 -30.92
N LYS B 195 -12.91 -6.02 -31.60
CA LYS B 195 -12.92 -5.62 -33.03
C LYS B 195 -13.65 -4.28 -33.23
N VAL B 196 -13.62 -3.43 -32.20
CA VAL B 196 -14.35 -2.13 -32.28
C VAL B 196 -13.61 -1.19 -33.24
N ASN B 197 -12.36 -1.48 -33.54
CA ASN B 197 -11.61 -0.66 -34.54
C ASN B 197 -12.33 -0.74 -35.90
N GLU B 198 -13.08 -1.80 -36.12
CA GLU B 198 -13.84 -1.96 -37.40
C GLU B 198 -14.92 -0.89 -37.54
N VAL B 199 -15.38 -0.32 -36.44
CA VAL B 199 -16.50 0.66 -36.47
C VAL B 199 -16.01 1.98 -35.87
N GLN B 200 -14.69 2.14 -35.76
CA GLN B 200 -14.10 3.43 -35.31
C GLN B 200 -12.87 3.74 -36.20
N LYS B 201 -12.94 4.83 -36.98
CA LYS B 201 -11.83 5.12 -37.93
C LYS B 201 -10.76 5.97 -37.26
N TYR B 202 -11.12 6.66 -36.18
CA TYR B 202 -10.16 7.60 -35.57
C TYR B 202 -9.96 7.31 -34.10
N PHE B 203 -8.71 6.98 -33.74
CA PHE B 203 -8.35 6.80 -32.32
C PHE B 203 -7.42 7.92 -31.93
N THR B 204 -7.56 8.40 -30.71
CA THR B 204 -6.62 9.40 -30.19
C THR B 204 -5.97 8.83 -28.93
N GLU B 205 -4.64 8.72 -28.91
CA GLU B 205 -3.90 8.25 -27.71
C GLU B 205 -3.88 9.41 -26.70
N SER B 206 -4.85 9.45 -25.79
CA SER B 206 -5.02 10.56 -24.82
C SER B 206 -4.54 10.14 -23.43
N ASN B 207 -4.60 8.84 -23.13
CA ASN B 207 -4.24 8.39 -21.77
C ASN B 207 -4.96 9.30 -20.78
N HIS B 208 -6.25 9.57 -21.02
CA HIS B 208 -7.02 10.55 -20.20
C HIS B 208 -7.64 9.91 -18.96
N GLY B 209 -7.59 8.59 -18.90
CA GLY B 209 -8.14 7.87 -17.76
C GLY B 209 -7.66 6.45 -17.79
N LEU B 210 -8.33 5.59 -17.04
CA LEU B 210 -7.83 4.21 -16.95
C LEU B 210 -8.98 3.22 -16.83
N VAL B 211 -8.68 1.97 -17.14
CA VAL B 211 -9.66 0.89 -16.89
C VAL B 211 -8.87 -0.10 -16.03
N ASP B 212 -9.24 -0.19 -14.76
CA ASP B 212 -8.64 -1.19 -13.84
C ASP B 212 -9.80 -1.97 -13.21
N TYR B 213 -9.49 -3.05 -12.52
CA TYR B 213 -10.54 -3.91 -11.97
C TYR B 213 -10.39 -4.18 -10.50
N MET B 214 -11.53 -4.37 -9.85
CA MET B 214 -11.48 -4.85 -8.46
C MET B 214 -12.02 -6.28 -8.50
N VAL B 215 -11.15 -7.25 -8.29
CA VAL B 215 -11.61 -8.65 -8.16
C VAL B 215 -12.46 -8.68 -6.90
N ILE B 216 -13.67 -9.20 -7.02
CA ILE B 216 -14.61 -9.19 -5.87
C ILE B 216 -15.31 -10.54 -5.70
N THR B 217 -15.76 -10.79 -4.47
CA THR B 217 -16.56 -11.98 -4.20
C THR B 217 -17.67 -11.58 -3.25
N ASN B 218 -18.58 -12.50 -3.01
CA ASN B 218 -19.66 -12.30 -2.02
C ASN B 218 -19.00 -12.54 -0.65
N ALA B 219 -18.95 -11.51 0.17
CA ALA B 219 -18.27 -11.60 1.47
C ALA B 219 -18.74 -12.80 2.28
N LYS B 220 -20.05 -12.99 2.34
CA LYS B 220 -20.63 -14.09 3.14
C LYS B 220 -20.12 -15.44 2.59
N PHE B 221 -20.14 -15.59 1.26
CA PHE B 221 -19.64 -16.84 0.63
C PHE B 221 -18.17 -17.04 0.99
N TRP B 222 -17.40 -15.97 0.83
CA TRP B 222 -15.94 -16.02 1.11
C TRP B 222 -15.69 -16.31 2.60
N ASN B 223 -16.45 -15.65 3.47
CA ASN B 223 -16.20 -15.83 4.92
C ASN B 223 -16.59 -17.25 5.36
N GLY B 224 -17.53 -17.87 4.65
CA GLY B 224 -18.04 -19.20 5.02
C GLY B 224 -17.16 -20.32 4.52
N LEU B 225 -16.15 -19.98 3.73
CA LEU B 225 -15.20 -21.02 3.27
C LEU B 225 -14.40 -21.55 4.44
N PRO B 226 -13.94 -22.81 4.39
CA PRO B 226 -13.01 -23.29 5.41
C PRO B 226 -11.82 -22.34 5.34
N ALA B 227 -11.30 -21.93 6.48
CA ALA B 227 -10.21 -20.93 6.53
C ALA B 227 -9.02 -21.34 5.67
N ASP B 228 -8.65 -22.61 5.71
CA ASP B 228 -7.43 -23.05 4.96
C ASP B 228 -7.67 -22.81 3.47
N ILE B 229 -8.88 -23.08 3.02
CA ILE B 229 -9.22 -22.94 1.57
C ILE B 229 -9.22 -21.45 1.20
N ARG B 230 -9.91 -20.62 1.98
CA ARG B 230 -9.90 -19.16 1.72
C ARG B 230 -8.45 -18.65 1.60
N GLU B 231 -7.61 -19.00 2.56
CA GLU B 231 -6.22 -18.47 2.59
C GLU B 231 -5.45 -18.90 1.34
N GLU B 232 -5.57 -20.19 0.99
CA GLU B 232 -4.86 -20.69 -0.20
C GLU B 232 -5.38 -19.96 -1.46
N LEU B 233 -6.69 -19.81 -1.55
CA LEU B 233 -7.31 -19.15 -2.72
C LEU B 233 -6.78 -17.72 -2.81
N GLN B 234 -6.66 -17.05 -1.67
CA GLN B 234 -6.19 -15.65 -1.69
C GLN B 234 -4.73 -15.63 -2.20
N ARG B 235 -3.95 -16.59 -1.75
CA ARG B 235 -2.52 -16.63 -2.14
C ARG B 235 -2.41 -16.88 -3.66
N ILE B 236 -3.24 -17.75 -4.18
CA ILE B 236 -3.21 -17.99 -5.64
C ILE B 236 -3.64 -16.67 -6.34
N MET B 237 -4.71 -16.06 -5.86
CA MET B 237 -5.17 -14.78 -6.44
C MET B 237 -4.00 -13.79 -6.49
N ASP B 238 -3.27 -13.68 -5.39
CA ASP B 238 -2.10 -12.77 -5.31
C ASP B 238 -1.10 -13.08 -6.44
N GLU B 239 -0.83 -14.36 -6.67
CA GLU B 239 0.09 -14.76 -7.76
C GLU B 239 -0.48 -14.40 -9.14
N VAL B 240 -1.79 -14.63 -9.32
CA VAL B 240 -2.42 -14.34 -10.64
C VAL B 240 -2.36 -12.82 -10.86
N THR B 241 -2.54 -12.04 -9.80
CA THR B 241 -2.52 -10.57 -9.92
C THR B 241 -1.21 -10.12 -10.53
N VAL B 242 -0.10 -10.66 -10.04
CA VAL B 242 1.24 -10.32 -10.60
C VAL B 242 1.25 -10.58 -12.11
N GLN B 243 0.80 -11.77 -12.51
CA GLN B 243 0.76 -12.14 -13.94
C GLN B 243 -0.09 -11.17 -14.77
N VAL B 244 -1.30 -10.88 -14.30
CA VAL B 244 -2.24 -10.01 -15.06
C VAL B 244 -1.60 -8.63 -15.22
N ASN B 245 -1.11 -8.08 -14.12
CA ASN B 245 -0.56 -6.70 -14.16
C ASN B 245 0.57 -6.62 -15.19
N LEU B 246 1.35 -7.69 -15.31
CA LEU B 246 2.44 -7.71 -16.33
C LEU B 246 1.86 -7.93 -17.75
N GLU B 247 0.97 -8.89 -17.94
CA GLU B 247 0.49 -9.15 -19.31
C GLU B 247 -0.26 -7.90 -19.81
N ALA B 248 -0.94 -7.19 -18.92
CA ALA B 248 -1.74 -6.00 -19.27
C ALA B 248 -0.96 -5.04 -20.17
N GLU B 249 0.23 -4.66 -19.73
CA GLU B 249 1.00 -3.64 -20.50
C GLU B 249 1.35 -4.20 -21.89
N ARG B 250 1.77 -5.45 -21.92
CA ARG B 250 2.21 -6.09 -23.19
C ARG B 250 1.01 -6.25 -24.15
N LEU B 251 -0.09 -6.79 -23.63
CA LEU B 251 -1.29 -7.04 -24.47
C LEU B 251 -1.86 -5.72 -25.01
N ASN B 252 -1.79 -4.66 -24.20
CA ASN B 252 -2.26 -3.35 -24.71
C ASN B 252 -1.33 -2.83 -25.81
N ARG B 253 -0.02 -3.01 -25.65
CA ARG B 253 0.92 -2.59 -26.71
C ARG B 253 0.63 -3.43 -27.97
N ASP B 254 0.46 -4.72 -27.78
CA ASP B 254 0.16 -5.58 -28.95
C ASP B 254 -1.11 -5.08 -29.62
N ALA B 255 -2.11 -4.76 -28.81
CA ALA B 255 -3.42 -4.35 -29.37
C ALA B 255 -3.29 -3.09 -30.21
N ARG B 256 -2.59 -2.08 -29.68
CA ARG B 256 -2.38 -0.81 -30.43
C ARG B 256 -1.73 -1.09 -31.80
N GLN B 257 -0.67 -1.89 -31.81
CA GLN B 257 0.05 -2.19 -33.08
C GLN B 257 -0.90 -2.91 -34.05
N ARG B 258 -1.71 -3.82 -33.54
CA ARG B 258 -2.67 -4.53 -34.41
C ARG B 258 -3.75 -3.56 -34.94
N ILE B 259 -4.20 -2.62 -34.11
CA ILE B 259 -5.18 -1.62 -34.64
C ILE B 259 -4.49 -0.83 -35.76
N LEU B 260 -3.29 -0.31 -35.50
CA LEU B 260 -2.56 0.50 -36.51
C LEU B 260 -2.32 -0.32 -37.80
N ALA B 261 -2.04 -1.61 -37.69
CA ALA B 261 -1.78 -2.47 -38.87
C ALA B 261 -3.06 -2.78 -39.67
N SER B 262 -4.23 -2.58 -39.07
CA SER B 262 -5.52 -2.90 -39.74
C SER B 262 -5.67 -2.17 -41.07
N GLY B 263 -5.31 -0.88 -41.10
CA GLY B 263 -5.52 -0.07 -42.30
C GLY B 263 -6.84 0.68 -42.24
N ALA B 264 -7.77 0.22 -41.42
CA ALA B 264 -9.13 0.82 -41.39
C ALA B 264 -9.25 1.88 -40.28
N SER B 265 -8.19 2.09 -39.53
CA SER B 265 -8.27 3.05 -38.42
C SER B 265 -6.94 3.82 -38.29
N GLU B 266 -7.02 5.09 -37.90
CA GLU B 266 -5.80 5.88 -37.65
C GLU B 266 -5.65 6.15 -36.16
N ILE B 267 -4.42 6.33 -35.70
CA ILE B 267 -4.19 6.73 -34.28
C ILE B 267 -3.50 8.10 -34.25
N HIS B 268 -4.11 9.07 -33.60
CA HIS B 268 -3.43 10.36 -33.40
C HIS B 268 -2.91 10.35 -31.96
N THR B 269 -1.59 10.51 -31.80
CA THR B 269 -1.02 10.56 -30.46
C THR B 269 -1.02 12.01 -30.00
N LEU B 270 -1.63 12.27 -28.85
CA LEU B 270 -1.72 13.68 -28.39
C LEU B 270 -0.31 14.16 -28.06
N SER B 271 -0.04 15.42 -28.36
CA SER B 271 1.25 16.02 -27.99
C SER B 271 1.13 16.42 -26.52
N PRO B 272 2.23 16.53 -25.78
CA PRO B 272 2.15 17.04 -24.42
C PRO B 272 1.25 18.28 -24.28
N GLN B 273 1.24 19.18 -25.26
CA GLN B 273 0.47 20.45 -25.14
C GLN B 273 -1.01 20.18 -25.38
N GLN B 274 -1.32 19.47 -26.46
CA GLN B 274 -2.72 19.06 -26.71
C GLN B 274 -3.24 18.37 -25.43
N ARG B 275 -2.46 17.46 -24.85
CA ARG B 275 -2.89 16.72 -23.64
C ARG B 275 -3.21 17.71 -22.50
N ALA B 276 -2.36 18.71 -22.32
CA ALA B 276 -2.63 19.73 -21.28
C ALA B 276 -3.96 20.43 -21.55
N ASP B 277 -4.25 20.68 -22.82
CA ASP B 277 -5.50 21.40 -23.19
C ASP B 277 -6.71 20.50 -22.93
N TRP B 278 -6.61 19.22 -23.28
CA TRP B 278 -7.72 18.29 -23.00
C TRP B 278 -7.88 18.20 -21.48
N ARG B 279 -6.75 18.14 -20.78
CA ARG B 279 -6.79 18.08 -19.30
C ARG B 279 -7.52 19.30 -18.75
N GLN B 280 -7.23 20.46 -19.32
CA GLN B 280 -7.83 21.72 -18.82
C GLN B 280 -9.34 21.74 -19.11
N ALA B 281 -9.74 21.16 -20.24
CA ALA B 281 -11.17 21.14 -20.60
C ALA B 281 -11.95 20.07 -19.81
N MET B 282 -11.27 19.02 -19.36
CA MET B 282 -12.00 17.89 -18.72
C MET B 282 -11.94 17.92 -17.18
N GLN B 283 -10.89 18.52 -16.60
CA GLN B 283 -10.71 18.54 -15.12
C GLN B 283 -11.84 19.26 -14.36
N PRO B 284 -12.51 20.31 -14.87
CA PRO B 284 -13.65 20.89 -14.17
C PRO B 284 -14.64 19.88 -13.58
N VAL B 285 -14.70 18.67 -14.16
CA VAL B 285 -15.65 17.63 -13.69
C VAL B 285 -15.26 17.15 -12.27
N TRP B 286 -14.01 17.34 -11.87
CA TRP B 286 -13.55 16.90 -10.54
C TRP B 286 -14.37 17.60 -9.45
N GLN B 287 -14.74 18.85 -9.69
CA GLN B 287 -15.45 19.67 -8.66
C GLN B 287 -16.76 19.00 -8.24
N LYS B 288 -17.43 18.33 -9.16
CA LYS B 288 -18.73 17.67 -8.87
C LYS B 288 -18.54 16.41 -8.00
N PHE B 289 -17.33 15.88 -7.86
CA PHE B 289 -17.20 14.58 -7.12
C PHE B 289 -16.24 14.69 -5.95
N ARG B 290 -15.58 15.83 -5.75
CA ARG B 290 -14.55 15.95 -4.69
C ARG B 290 -15.13 15.66 -3.30
N GLY B 291 -16.35 16.12 -3.03
CA GLY B 291 -17.02 15.84 -1.74
C GLY B 291 -17.37 14.38 -1.57
N ASN B 292 -17.70 13.68 -2.66
CA ASN B 292 -17.98 12.23 -2.59
C ASN B 292 -16.70 11.45 -2.31
N VAL B 293 -15.61 11.80 -2.96
CA VAL B 293 -14.36 10.99 -2.81
C VAL B 293 -13.61 11.38 -1.54
N GLY B 294 -13.65 12.64 -1.15
CA GLY B 294 -12.86 13.09 0.00
C GLY B 294 -11.54 13.72 -0.42
N ALA B 295 -11.14 14.76 0.29
CA ALA B 295 -9.85 15.44 0.02
C ALA B 295 -8.66 14.50 0.32
N ASP B 296 -8.73 13.76 1.42
CA ASP B 296 -7.62 12.83 1.79
C ASP B 296 -7.41 11.82 0.66
N LEU B 297 -8.48 11.19 0.21
CA LEU B 297 -8.34 10.15 -0.85
C LEU B 297 -7.81 10.82 -2.13
N LEU B 298 -8.34 11.99 -2.49
CA LEU B 298 -7.89 12.72 -3.70
C LEU B 298 -6.40 13.07 -3.55
N GLN B 299 -6.03 13.58 -2.38
CA GLN B 299 -4.61 13.95 -2.14
C GLN B 299 -3.73 12.70 -2.29
N ALA B 300 -4.16 11.57 -1.74
CA ALA B 300 -3.39 10.31 -1.84
C ALA B 300 -3.20 9.92 -3.30
N ALA B 301 -4.24 10.13 -4.10
CA ALA B 301 -4.17 9.77 -5.53
C ALA B 301 -3.23 10.72 -6.29
N GLU B 302 -3.38 12.02 -6.06
CA GLU B 302 -2.49 12.99 -6.73
C GLU B 302 -1.03 12.70 -6.32
N ALA B 303 -0.82 12.34 -5.06
CA ALA B 303 0.54 12.06 -4.54
C ALA B 303 1.13 10.79 -5.14
N SER B 304 0.29 9.91 -5.68
CA SER B 304 0.75 8.64 -6.31
C SER B 304 1.52 8.94 -7.59
N ASN B 305 1.35 10.14 -8.13
CA ASN B 305 2.08 10.53 -9.36
C ASN B 305 3.53 10.90 -9.04
N ARG B 306 3.85 11.10 -7.77
CA ARG B 306 5.25 11.34 -7.37
C ARG B 306 5.99 10.00 -7.44
N PRO B 307 7.01 9.87 -8.30
CA PRO B 307 7.72 8.61 -8.44
C PRO B 307 8.67 8.34 -7.27
C1 ITN C . 10.05 1.76 11.51
C2 ITN C . 9.22 3.01 11.29
C3 ITN C . 9.36 4.01 12.42
C5 ITN C . 8.61 5.11 12.44
O3 ITN C . 7.32 5.01 12.42
O4 ITN C . 9.19 6.23 12.74
C4 ITN C . 10.06 3.66 13.47
O1 ITN C . 9.43 0.60 11.61
O2 ITN C . 11.37 1.88 11.32
C1 GOL D . 19.35 -23.33 11.59
O1 GOL D . 18.84 -23.68 10.31
C2 GOL D . 20.53 -24.21 11.96
O2 GOL D . 20.79 -23.97 13.34
C3 GOL D . 20.30 -25.69 11.75
O3 GOL D . 19.33 -26.19 12.67
C1 GOL E . 16.16 -29.07 -0.43
O1 GOL E . 17.41 -29.25 0.23
C2 GOL E . 15.31 -28.23 0.50
O2 GOL E . 15.47 -28.80 1.79
C3 GOL E . 15.68 -26.76 0.58
O3 GOL E . 15.13 -26.16 1.76
C1 ITN F . -13.96 -4.36 -18.97
C2 ITN F . -15.04 -3.60 -19.75
C3 ITN F . -15.13 -2.10 -19.66
C5 ITN F . -16.11 -1.41 -20.27
O3 ITN F . -17.28 -1.57 -19.91
O4 ITN F . -15.82 -0.49 -20.97
C4 ITN F . -14.33 -1.44 -18.84
O1 ITN F . -12.76 -4.34 -19.42
O2 ITN F . -14.34 -5.06 -18.01
C1 EDO G . -4.14 -9.27 -28.83
O1 EDO G . -3.13 -9.74 -28.00
C2 EDO G . -4.35 -7.87 -28.37
O2 EDO G . -5.77 -7.52 -28.19
#